data_2B65
#
_entry.id   2B65
#
_cell.length_a   61.484
_cell.length_b   49.846
_cell.length_c   65.161
_cell.angle_alpha   90.00
_cell.angle_beta   107.07
_cell.angle_gamma   90.00
#
_symmetry.space_group_name_H-M   'P 1 21 1'
#
loop_
_entity.id
_entity.type
_entity.pdbx_description
1 polymer Lactotransferrin
2 branched alpha-D-mannopyranose-(1-4)-[alpha-D-mannopyranose-(1-6)]alpha-D-mannopyranose-(1-4)-2-acetamido-2-deoxy-beta-D-glucopyranose-(1-4)-2-acetamido-2-deoxy-beta-D-glucopyranose
3 branched 2-acetamido-2-deoxy-beta-D-glucopyranose-(1-4)-2-acetamido-2-deoxy-beta-D-glucopyranose
4 branched alpha-D-mannopyranose-(1-4)-alpha-D-mannopyranose-(1-4)-beta-D-mannopyranose-(1-4)-alpha-D-mannopyranose-(1-4)-2-acetamido-2-deoxy-beta-D-glucopyranose-(1-4)-2-acetamido-2-deoxy-beta-D-glucopyranose
5 branched alpha-D-glucopyranose-(1-4)-alpha-D-glucopyranose
6 non-polymer 'CARBONATE ION'
7 non-polymer 'FE (III) ION'
8 non-polymer 'ZINC ION'
9 non-polymer 'SULFATE ION'
10 water water
#
_entity_poly.entity_id   1
_entity_poly.type   'polypeptide(L)'
_entity_poly.pdbx_seq_one_letter_code
;YTRVVWCAVGPEEQKKCQQWSQQSGQNVTCATASTTDDCIVLVLKGEADALNLDGGYIYTAGKCGLVPVLAENRKSSKHS
SLDCVLRPTEGYLAVAVVKKANEGLTWNSLKDKKSCHTAVDRTAGWNIPMGLIVNQTGSCAFDEFFSQSCAPGADPKSRL
CALCAGDDQGLDKCVPNSKEKYYGYTGAFRCLAEDVGDVAFVKNDTVWENTNGESTADWAKNLKREDFRLLCLDGTRKPV
TEAQSCHLAVAPNHAVVSRSDRAAHVEQVLLHQQALFGKNGKNCPDKFCLFKSETKNLLFNDNTECLAKLGGRPTYEEYL
GTEYVTAIANLKKCSTSPLLEACAF
;
_entity_poly.pdbx_strand_id   A
#
# COMPACT_ATOMS: atom_id res chain seq x y z
N TYR A 1 -1.99 32.73 1.31
CA TYR A 1 -2.27 31.26 1.48
C TYR A 1 -1.12 30.57 2.24
N THR A 2 -1.32 29.32 2.64
CA THR A 2 -0.22 28.60 3.26
C THR A 2 0.31 27.48 2.39
N ARG A 3 1.56 27.12 2.66
CA ARG A 3 2.16 25.98 2.01
C ARG A 3 1.61 24.69 2.64
N VAL A 4 1.62 23.63 1.83
CA VAL A 4 1.33 22.28 2.31
C VAL A 4 2.60 21.46 2.51
N VAL A 5 2.76 20.95 3.72
CA VAL A 5 3.92 20.15 4.10
C VAL A 5 3.59 18.66 4.00
N TRP A 6 4.11 18.03 2.96
CA TRP A 6 3.90 16.60 2.73
C TRP A 6 4.86 15.81 3.58
N CYS A 7 4.49 14.59 3.96
CA CYS A 7 5.40 13.71 4.65
C CYS A 7 5.80 12.54 3.80
N ALA A 8 7.11 12.45 3.60
CA ALA A 8 7.71 11.41 2.80
C ALA A 8 8.29 10.33 3.71
N VAL A 9 8.02 9.07 3.38
CA VAL A 9 8.49 7.93 4.14
C VAL A 9 9.77 7.35 3.52
N GLY A 10 10.91 7.63 4.18
CA GLY A 10 12.20 7.17 3.65
C GLY A 10 12.81 8.09 2.60
N PRO A 11 14.08 7.84 2.29
CA PRO A 11 14.83 8.80 1.49
C PRO A 11 14.44 8.85 0.02
N GLU A 12 13.91 7.76 -0.53
CA GLU A 12 13.48 7.77 -1.92
C GLU A 12 12.24 8.63 -2.09
N GLU A 13 11.28 8.47 -1.19
CA GLU A 13 10.11 9.31 -1.24
C GLU A 13 10.51 10.76 -1.03
N GLN A 14 11.46 10.98 -0.11
CA GLN A 14 11.97 12.34 0.12
C GLN A 14 12.50 13.01 -1.16
N LYS A 15 13.30 12.27 -1.93
CA LYS A 15 13.85 12.77 -3.20
C LYS A 15 12.71 13.19 -4.12
N LYS A 16 11.68 12.34 -4.24
CA LYS A 16 10.54 12.61 -5.12
C LYS A 16 9.79 13.84 -4.63
N CYS A 17 9.58 13.90 -3.31
CA CYS A 17 8.89 15.02 -2.70
C CYS A 17 9.65 16.31 -2.96
N GLN A 18 10.96 16.27 -2.90
CA GLN A 18 11.76 17.49 -3.08
C GLN A 18 11.63 17.96 -4.53
N GLN A 19 11.56 17.04 -5.50
CA GLN A 19 11.30 17.40 -6.91
C GLN A 19 9.94 18.08 -7.05
N TRP A 20 8.91 17.46 -6.46
CA TRP A 20 7.57 18.00 -6.45
C TRP A 20 7.60 19.40 -5.86
N SER A 21 8.28 19.56 -4.73
CA SER A 21 8.38 20.87 -4.07
C SER A 21 8.98 21.94 -5.00
N GLN A 22 10.10 21.59 -5.62
CA GLN A 22 10.79 22.48 -6.57
C GLN A 22 9.82 22.87 -7.69
N GLN A 23 9.11 21.90 -8.23
CA GLN A 23 8.21 22.15 -9.36
C GLN A 23 6.95 22.94 -8.98
N SER A 24 6.54 22.81 -7.72
CA SER A 24 5.32 23.42 -7.19
C SER A 24 5.53 24.91 -6.84
N GLY A 25 6.77 25.36 -6.94
CA GLY A 25 7.13 26.71 -6.52
C GLY A 25 6.98 26.85 -5.02
N GLN A 26 7.30 25.77 -4.30
CA GLN A 26 7.24 25.75 -2.82
C GLN A 26 5.81 25.76 -2.25
N ASN A 27 4.80 25.57 -3.07
CA ASN A 27 3.42 25.43 -2.59
C ASN A 27 3.30 24.15 -1.76
N VAL A 28 4.14 23.19 -2.14
CA VAL A 28 4.32 21.98 -1.35
C VAL A 28 5.76 21.94 -0.89
N THR A 29 5.98 21.59 0.38
CA THR A 29 7.31 21.36 0.92
C THR A 29 7.28 20.00 1.61
N CYS A 30 8.42 19.55 2.12
CA CYS A 30 8.60 18.14 2.46
C CYS A 30 9.12 18.00 3.88
N ALA A 31 8.48 17.14 4.66
CA ALA A 31 9.06 16.60 5.87
C ALA A 31 9.28 15.14 5.53
N THR A 32 10.21 14.52 6.23
CA THR A 32 10.47 13.11 6.03
C THR A 32 10.64 12.38 7.34
N ALA A 33 10.21 11.12 7.35
CA ALA A 33 10.38 10.24 8.50
C ALA A 33 10.74 8.85 7.98
N SER A 34 11.13 7.96 8.89
CA SER A 34 11.63 6.67 8.50
C SER A 34 10.51 5.68 8.26
N THR A 35 9.37 5.90 8.89
CA THR A 35 8.25 4.96 8.81
C THR A 35 6.98 5.75 8.64
N THR A 36 5.96 5.06 8.15
CA THR A 36 4.65 5.66 7.99
C THR A 36 4.08 6.10 9.33
N ASP A 37 4.24 5.30 10.36
CA ASP A 37 3.79 5.68 11.69
C ASP A 37 4.45 6.95 12.17
N ASP A 38 5.74 7.10 11.89
CA ASP A 38 6.41 8.34 12.29
C ASP A 38 5.89 9.54 11.51
N CYS A 39 5.57 9.39 10.23
CA CYS A 39 4.92 10.44 9.45
C CYS A 39 3.55 10.80 10.01
N ILE A 40 2.80 9.80 10.44
CA ILE A 40 1.51 10.04 11.09
C ILE A 40 1.73 10.93 12.31
N VAL A 41 2.78 10.64 13.05
CA VAL A 41 3.07 11.36 14.29
C VAL A 41 3.47 12.78 13.94
N LEU A 42 4.27 13.00 12.90
CA LEU A 42 4.56 14.35 12.46
C LEU A 42 3.31 15.14 12.15
N VAL A 43 2.40 14.52 11.42
CA VAL A 43 1.11 15.16 11.14
C VAL A 43 0.30 15.48 12.39
N LEU A 44 0.26 14.55 13.33
CA LEU A 44 -0.45 14.75 14.60
C LEU A 44 0.17 15.91 15.37
N LYS A 45 1.48 16.04 15.34
CA LYS A 45 2.16 17.13 16.01
C LYS A 45 1.99 18.46 15.31
N GLY A 46 1.52 18.45 14.07
CA GLY A 46 1.44 19.65 13.23
C GLY A 46 2.71 20.03 12.50
N GLU A 47 3.66 19.11 12.42
CA GLU A 47 4.95 19.32 11.80
C GLU A 47 5.01 18.84 10.35
N ALA A 48 3.94 18.19 9.92
CA ALA A 48 3.63 17.96 8.54
C ALA A 48 2.11 18.08 8.41
N ASP A 49 1.61 18.25 7.19
CA ASP A 49 0.18 18.37 6.93
C ASP A 49 -0.52 17.10 6.50
N ALA A 50 0.15 16.31 5.66
CA ALA A 50 -0.55 15.24 4.97
C ALA A 50 0.39 14.22 4.38
N LEU A 51 -0.14 13.00 4.21
CA LEU A 51 0.45 12.00 3.36
C LEU A 51 -0.65 11.04 2.90
N ASN A 52 -0.31 10.30 1.88
CA ASN A 52 -1.18 9.24 1.35
C ASN A 52 -0.93 7.94 2.06
N LEU A 53 -1.99 7.24 2.42
CA LEU A 53 -1.89 6.08 3.29
C LEU A 53 -2.67 4.90 2.74
N ASP A 54 -2.11 3.71 2.99
CA ASP A 54 -2.84 2.47 2.87
C ASP A 54 -3.92 2.43 3.96
N GLY A 55 -5.00 1.71 3.68
CA GLY A 55 -6.10 1.63 4.62
C GLY A 55 -5.79 1.19 6.04
N GLY A 56 -4.83 0.28 6.20
CA GLY A 56 -4.43 -0.14 7.53
C GLY A 56 -3.80 1.02 8.31
N TYR A 57 -3.09 1.88 7.59
CA TYR A 57 -2.47 3.06 8.19
C TYR A 57 -3.52 4.15 8.41
N ILE A 58 -4.50 4.22 7.52
CA ILE A 58 -5.67 5.07 7.76
C ILE A 58 -6.35 4.75 9.06
N TYR A 59 -6.50 3.47 9.38
CA TYR A 59 -7.04 3.09 10.67
C TYR A 59 -6.23 3.65 11.86
N THR A 60 -4.92 3.45 11.84
CA THR A 60 -4.03 4.03 12.83
C THR A 60 -4.20 5.53 12.91
N ALA A 61 -4.15 6.19 11.75
CA ALA A 61 -4.24 7.62 11.72
C ALA A 61 -5.60 8.12 12.21
N GLY A 62 -6.64 7.38 11.83
CA GLY A 62 -8.00 7.71 12.20
C GLY A 62 -8.27 7.66 13.68
N LYS A 63 -7.76 6.61 14.30
CA LYS A 63 -7.88 6.48 15.73
C LYS A 63 -7.29 7.68 16.43
N CYS A 64 -6.29 8.31 15.81
CA CYS A 64 -5.58 9.44 16.38
C CYS A 64 -6.18 10.76 15.97
N GLY A 65 -7.26 10.73 15.20
CA GLY A 65 -7.99 11.93 14.87
C GLY A 65 -7.75 12.48 13.49
N LEU A 66 -6.91 11.83 12.69
CA LEU A 66 -6.72 12.30 11.32
C LEU A 66 -7.85 11.84 10.41
N VAL A 67 -8.15 12.62 9.37
CA VAL A 67 -9.29 12.37 8.51
C VAL A 67 -8.90 12.14 7.04
N PRO A 68 -9.68 11.33 6.31
CA PRO A 68 -9.43 11.16 4.89
C PRO A 68 -9.84 12.38 4.10
N VAL A 69 -9.05 12.73 3.09
CA VAL A 69 -9.21 13.99 2.37
C VAL A 69 -9.55 13.73 0.89
N LEU A 70 -8.76 12.88 0.24
CA LEU A 70 -8.93 12.50 -1.19
C LEU A 70 -8.45 11.09 -1.32
N ALA A 71 -9.02 10.32 -2.25
CA ALA A 71 -8.58 8.93 -2.43
C ALA A 71 -7.94 8.70 -3.79
N GLU A 72 -6.98 7.79 -3.82
CA GLU A 72 -6.47 7.32 -5.10
C GLU A 72 -7.62 6.73 -5.92
N ASN A 73 -7.63 7.07 -7.20
CA ASN A 73 -8.55 6.51 -8.17
C ASN A 73 -7.71 5.99 -9.31
N ARG A 74 -7.69 4.68 -9.49
CA ARG A 74 -7.03 4.09 -10.67
C ARG A 74 -7.98 4.08 -11.87
N LYS A 75 -7.47 3.67 -13.05
CA LYS A 75 -8.37 3.42 -14.19
C LYS A 75 -9.51 2.47 -13.83
N SER A 76 -10.69 2.74 -14.37
CA SER A 76 -11.85 1.88 -14.17
C SER A 76 -12.37 1.26 -15.47
N SER A 77 -13.54 0.59 -15.33
CA SER A 77 -14.53 0.59 -16.40
C SER A 77 -15.77 1.47 -16.06
N LYS A 78 -16.78 0.94 -15.37
CA LYS A 78 -17.85 1.71 -14.68
C LYS A 78 -17.68 3.24 -14.40
N HIS A 79 -18.82 3.96 -14.42
CA HIS A 79 -18.93 5.41 -14.10
C HIS A 79 -18.12 6.21 -15.13
N SER A 80 -18.19 5.74 -16.38
CA SER A 80 -17.18 5.99 -17.35
C SER A 80 -17.30 7.39 -17.97
N SER A 81 -18.42 8.07 -17.68
CA SER A 81 -18.67 9.42 -18.23
C SER A 81 -18.10 10.56 -17.37
N LEU A 82 -17.99 10.34 -16.06
CA LEU A 82 -17.57 11.39 -15.13
C LEU A 82 -16.05 11.61 -15.13
N ASP A 83 -15.64 12.82 -14.76
CA ASP A 83 -14.22 13.11 -14.55
C ASP A 83 -13.65 12.19 -13.46
N CYS A 84 -12.37 11.86 -13.61
CA CYS A 84 -11.67 11.05 -12.62
C CYS A 84 -11.88 11.58 -11.21
N VAL A 85 -11.86 12.90 -11.04
CA VAL A 85 -11.93 13.47 -9.70
C VAL A 85 -13.31 13.26 -9.08
N LEU A 86 -14.28 12.91 -9.91
CA LEU A 86 -15.66 12.72 -9.46
C LEU A 86 -16.15 11.29 -9.68
N ARG A 87 -15.30 10.45 -10.24
CA ARG A 87 -15.63 9.04 -10.43
C ARG A 87 -15.54 8.31 -9.09
N PRO A 88 -16.60 7.56 -8.72
CA PRO A 88 -16.52 6.80 -7.48
C PRO A 88 -15.39 5.76 -7.52
N THR A 89 -14.61 5.67 -6.44
CA THR A 89 -13.55 4.66 -6.36
C THR A 89 -14.15 3.26 -6.28
N GLU A 90 -13.33 2.25 -6.60
CA GLU A 90 -13.82 0.87 -6.64
C GLU A 90 -13.15 -0.07 -5.65
N GLY A 91 -11.95 0.26 -5.23
CA GLY A 91 -11.31 -0.56 -4.24
C GLY A 91 -10.56 -1.67 -4.95
N TYR A 92 -9.47 -2.07 -4.34
CA TYR A 92 -8.55 -2.96 -5.01
C TYR A 92 -8.68 -4.35 -4.42
N LEU A 93 -8.19 -5.32 -5.16
CA LEU A 93 -8.34 -6.71 -4.76
C LEU A 93 -7.09 -7.23 -4.04
N ALA A 94 -7.21 -7.56 -2.76
CA ALA A 94 -6.14 -8.18 -2.04
C ALA A 94 -6.08 -9.62 -2.46
N VAL A 95 -4.89 -10.11 -2.78
CA VAL A 95 -4.72 -11.46 -3.29
C VAL A 95 -3.56 -12.14 -2.60
N ALA A 96 -3.55 -13.46 -2.66
CA ALA A 96 -2.40 -14.27 -2.30
C ALA A 96 -1.84 -14.91 -3.55
N VAL A 97 -0.58 -14.66 -3.86
CA VAL A 97 -0.01 -15.05 -5.12
C VAL A 97 1.11 -16.05 -4.87
N VAL A 98 1.15 -17.09 -5.71
CA VAL A 98 2.19 -18.11 -5.63
C VAL A 98 2.75 -18.37 -7.01
N LYS A 99 3.83 -19.14 -7.09
CA LYS A 99 4.28 -19.63 -8.40
C LYS A 99 3.47 -20.84 -8.82
N LYS A 100 3.08 -20.87 -10.09
CA LYS A 100 2.43 -22.02 -10.72
C LYS A 100 3.27 -23.29 -10.49
N ALA A 101 4.58 -23.12 -10.55
CA ALA A 101 5.51 -24.22 -10.37
C ALA A 101 5.47 -24.84 -8.96
N ASN A 102 5.02 -24.06 -7.99
CA ASN A 102 4.91 -24.54 -6.63
C ASN A 102 3.58 -25.28 -6.52
N GLU A 103 3.53 -26.44 -7.14
CA GLU A 103 2.27 -27.13 -7.35
C GLU A 103 1.76 -27.67 -6.01
N GLY A 104 0.44 -27.73 -5.83
CA GLY A 104 -0.08 -28.19 -4.53
C GLY A 104 0.02 -27.24 -3.33
N LEU A 105 0.62 -26.07 -3.51
CA LEU A 105 0.46 -24.99 -2.53
C LEU A 105 -0.92 -24.32 -2.69
N THR A 106 -1.70 -24.39 -1.64
CA THR A 106 -3.00 -23.75 -1.62
C THR A 106 -3.11 -22.92 -0.34
N TRP A 107 -4.24 -22.24 -0.19
CA TRP A 107 -4.54 -21.48 1.02
C TRP A 107 -4.44 -22.39 2.25
N ASN A 108 -4.84 -23.65 2.09
CA ASN A 108 -4.91 -24.57 3.22
C ASN A 108 -3.61 -25.28 3.56
N SER A 109 -2.57 -25.06 2.77
CA SER A 109 -1.28 -25.58 3.12
C SER A 109 -0.21 -24.50 3.27
N LEU A 110 -0.65 -23.32 3.69
CA LEU A 110 0.27 -22.19 3.88
C LEU A 110 1.13 -22.30 5.14
N LYS A 111 0.67 -23.08 6.09
CA LYS A 111 1.41 -23.22 7.33
C LYS A 111 2.84 -23.74 7.06
N ASP A 112 3.81 -23.09 7.70
CA ASP A 112 5.22 -23.45 7.63
C ASP A 112 5.86 -23.14 6.27
N LYS A 113 5.16 -22.35 5.47
CA LYS A 113 5.71 -21.86 4.20
C LYS A 113 6.32 -20.47 4.41
N LYS A 114 7.02 -19.98 3.39
CA LYS A 114 7.72 -18.69 3.44
C LYS A 114 6.80 -17.63 2.82
N SER A 115 6.65 -16.50 3.50
CA SER A 115 5.71 -15.47 3.06
C SER A 115 6.37 -14.11 2.81
N CYS A 116 5.77 -13.36 1.90
CA CYS A 116 6.22 -12.01 1.57
C CYS A 116 5.05 -11.07 1.77
N HIS A 117 5.25 -10.05 2.61
CA HIS A 117 4.20 -9.11 2.96
C HIS A 117 4.64 -7.73 2.60
N THR A 118 3.71 -6.86 2.22
CA THR A 118 4.05 -5.46 1.90
C THR A 118 4.67 -4.74 3.10
N ALA A 119 4.02 -4.86 4.25
CA ALA A 119 4.49 -4.39 5.54
C ALA A 119 3.47 -4.79 6.59
N VAL A 120 3.94 -4.93 7.84
CA VAL A 120 3.01 -5.02 8.95
C VAL A 120 2.06 -3.81 8.91
N ASP A 121 0.81 -4.08 9.22
CA ASP A 121 -0.25 -3.11 9.40
C ASP A 121 -0.84 -2.62 8.09
N ARG A 122 -0.36 -3.10 6.96
CA ARG A 122 -0.99 -2.73 5.68
C ARG A 122 -2.14 -3.68 5.34
N THR A 123 -3.06 -3.22 4.51
CA THR A 123 -4.25 -3.98 4.16
C THR A 123 -4.03 -5.31 3.47
N ALA A 124 -3.54 -5.32 2.25
CA ALA A 124 -3.42 -6.57 1.49
C ALA A 124 -2.24 -7.37 2.07
N GLY A 125 -1.19 -6.68 2.47
CA GLY A 125 0.01 -7.38 2.91
C GLY A 125 -0.07 -8.02 4.28
N TRP A 126 -1.02 -7.58 5.11
CA TRP A 126 -1.02 -7.97 6.52
C TRP A 126 -2.42 -8.15 7.10
N ASN A 127 -3.20 -7.07 7.18
CA ASN A 127 -4.43 -7.08 7.94
C ASN A 127 -5.36 -8.18 7.41
N ILE A 128 -5.56 -8.22 6.11
CA ILE A 128 -6.47 -9.20 5.50
C ILE A 128 -5.94 -10.63 5.67
N PRO A 129 -4.72 -10.93 5.18
CA PRO A 129 -4.27 -12.33 5.29
C PRO A 129 -4.07 -12.77 6.71
N MET A 130 -3.47 -11.95 7.55
CA MET A 130 -3.21 -12.41 8.94
C MET A 130 -4.49 -12.43 9.75
N GLY A 131 -5.44 -11.56 9.43
CA GLY A 131 -6.72 -11.59 10.10
C GLY A 131 -7.43 -12.88 9.78
N LEU A 132 -7.44 -13.26 8.51
CA LEU A 132 -8.00 -14.52 8.09
C LEU A 132 -7.30 -15.68 8.76
N ILE A 133 -5.97 -15.66 8.77
CA ILE A 133 -5.21 -16.77 9.35
C ILE A 133 -5.45 -16.92 10.85
N VAL A 134 -5.42 -15.82 11.58
CA VAL A 134 -5.69 -15.85 13.02
C VAL A 134 -7.05 -16.49 13.28
N ASN A 135 -8.03 -16.11 12.48
CA ASN A 135 -9.40 -16.59 12.68
C ASN A 135 -9.51 -18.08 12.41
N GLN A 136 -8.91 -18.52 11.31
CA GLN A 136 -8.99 -19.92 10.94
C GLN A 136 -8.14 -20.83 11.82
N THR A 137 -6.99 -20.35 12.28
CA THR A 137 -6.16 -21.13 13.20
C THR A 137 -6.64 -20.99 14.64
N GLY A 138 -7.49 -20.00 14.87
CA GLY A 138 -7.98 -19.68 16.21
C GLY A 138 -6.85 -19.36 17.17
N SER A 139 -5.75 -18.85 16.64
CA SER A 139 -4.59 -18.52 17.45
C SER A 139 -4.04 -17.16 17.05
N CYS A 140 -3.53 -16.42 18.03
CA CYS A 140 -2.95 -15.10 17.80
C CYS A 140 -1.48 -15.21 17.45
N ALA A 141 -0.98 -16.44 17.40
CA ALA A 141 0.43 -16.67 17.14
C ALA A 141 0.70 -16.60 15.63
N PHE A 142 0.22 -15.54 14.98
CA PHE A 142 0.54 -15.27 13.57
C PHE A 142 2.04 -15.11 13.32
N ASP A 143 2.80 -14.91 14.39
CA ASP A 143 4.25 -14.80 14.28
C ASP A 143 4.99 -16.14 14.18
N GLU A 144 4.27 -17.24 14.37
CA GLU A 144 4.79 -18.61 14.30
C GLU A 144 4.14 -19.43 13.18
N PHE A 145 3.34 -18.78 12.33
CA PHE A 145 2.62 -19.49 11.29
C PHE A 145 3.44 -19.88 10.05
N PHE A 146 4.05 -18.88 9.45
CA PHE A 146 4.98 -19.11 8.36
C PHE A 146 6.35 -19.44 8.92
N SER A 147 7.08 -20.32 8.26
CA SER A 147 8.43 -20.66 8.72
C SER A 147 9.32 -19.42 8.74
N GLN A 148 9.23 -18.64 7.67
CA GLN A 148 10.01 -17.42 7.58
C GLN A 148 9.18 -16.44 6.78
N SER A 149 9.42 -15.15 6.98
CA SER A 149 8.75 -14.15 6.18
C SER A 149 9.64 -12.95 5.92
N CYS A 150 9.18 -12.11 5.00
CA CYS A 150 9.53 -10.66 5.04
C CYS A 150 8.28 -9.86 5.30
N ALA A 151 8.24 -9.21 6.47
CA ALA A 151 7.11 -8.46 6.90
C ALA A 151 7.69 -7.17 7.45
N PRO A 152 8.03 -6.25 6.56
CA PRO A 152 8.64 -5.02 7.05
C PRO A 152 7.86 -4.36 8.19
N GLY A 153 8.60 -3.93 9.21
CA GLY A 153 8.04 -3.41 10.42
C GLY A 153 8.01 -4.37 11.59
N ALA A 154 8.24 -5.67 11.35
CA ALA A 154 8.30 -6.65 12.42
C ALA A 154 9.67 -6.60 13.07
N ASP A 155 9.90 -7.37 14.13
CA ASP A 155 11.20 -7.38 14.79
C ASP A 155 12.27 -7.92 13.85
N PRO A 156 13.32 -7.13 13.52
CA PRO A 156 14.30 -7.60 12.56
C PRO A 156 14.99 -8.90 12.86
N LYS A 157 15.04 -9.31 14.13
CA LYS A 157 15.71 -10.57 14.47
C LYS A 157 14.77 -11.75 14.41
N SER A 158 13.49 -11.48 14.19
CA SER A 158 12.44 -12.51 14.22
C SER A 158 12.24 -13.21 12.88
N ARG A 159 11.53 -14.32 12.90
CA ARG A 159 11.23 -15.11 11.71
C ARG A 159 10.41 -14.28 10.71
N LEU A 160 9.68 -13.29 11.22
CA LEU A 160 8.83 -12.45 10.36
C LEU A 160 9.67 -11.51 9.50
N CYS A 161 10.94 -11.34 9.85
CA CYS A 161 11.88 -10.53 9.08
C CYS A 161 13.00 -11.31 8.44
N ALA A 162 12.99 -12.64 8.54
CA ALA A 162 14.15 -13.42 8.10
C ALA A 162 14.42 -13.37 6.62
N LEU A 163 13.39 -13.13 5.81
CA LEU A 163 13.55 -13.06 4.38
C LEU A 163 13.85 -11.67 3.86
N CYS A 164 13.69 -10.65 4.70
CA CYS A 164 13.93 -9.28 4.25
C CYS A 164 15.41 -9.08 3.99
N ALA A 165 15.71 -8.23 3.04
CA ALA A 165 17.09 -8.09 2.56
C ALA A 165 17.75 -6.73 2.79
N GLY A 166 16.98 -5.73 3.19
CA GLY A 166 17.55 -4.40 3.35
C GLY A 166 17.90 -3.75 2.04
N ASP A 167 18.80 -2.75 2.14
CA ASP A 167 19.20 -1.95 0.99
C ASP A 167 20.47 -2.52 0.36
N ASP A 168 20.93 -1.84 -0.67
CA ASP A 168 22.15 -2.23 -1.38
C ASP A 168 23.23 -2.76 -0.46
N GLN A 169 23.42 -2.09 0.67
CA GLN A 169 24.51 -2.45 1.56
C GLN A 169 24.08 -3.53 2.52
N GLY A 170 22.80 -3.85 2.48
CA GLY A 170 22.24 -4.82 3.42
C GLY A 170 21.97 -4.23 4.78
N LEU A 171 21.85 -2.90 4.83
CA LEU A 171 21.36 -2.22 6.01
C LEU A 171 19.87 -1.99 5.88
N ASP A 172 19.26 -1.59 6.98
CA ASP A 172 17.82 -1.35 7.06
C ASP A 172 17.00 -2.58 6.75
N LYS A 173 17.52 -3.74 7.10
CA LYS A 173 16.79 -4.98 6.88
C LYS A 173 15.46 -4.83 7.59
N CYS A 174 14.37 -5.06 6.85
CA CYS A 174 13.03 -5.12 7.39
C CYS A 174 12.47 -3.77 7.80
N VAL A 175 13.12 -2.67 7.47
CA VAL A 175 12.46 -1.42 7.75
C VAL A 175 11.26 -1.27 6.83
N PRO A 176 10.19 -0.64 7.33
CA PRO A 176 9.00 -0.50 6.50
C PRO A 176 9.06 0.80 5.69
N ASN A 177 10.02 0.84 4.81
CA ASN A 177 10.11 1.86 3.78
C ASN A 177 10.88 1.31 2.58
N SER A 178 10.89 2.08 1.49
CA SER A 178 11.33 1.57 0.18
C SER A 178 12.83 1.27 0.13
N LYS A 179 13.57 1.56 1.19
CA LYS A 179 14.97 1.11 1.25
C LYS A 179 15.06 -0.40 1.38
N GLU A 180 14.07 -1.01 2.02
CA GLU A 180 13.99 -2.48 2.10
C GLU A 180 13.63 -3.06 0.73
N LYS A 181 14.51 -3.89 0.18
CA LYS A 181 14.33 -4.45 -1.13
C LYS A 181 12.90 -5.02 -1.32
N TYR A 182 12.39 -5.71 -0.30
CA TYR A 182 11.13 -6.37 -0.45
C TYR A 182 9.96 -5.65 0.18
N TYR A 183 10.11 -4.35 0.39
CA TYR A 183 9.01 -3.52 0.86
C TYR A 183 7.87 -3.31 -0.15
N GLY A 184 6.66 -3.23 0.38
CA GLY A 184 5.56 -2.74 -0.37
C GLY A 184 5.04 -3.71 -1.40
N TYR A 185 4.07 -3.28 -2.19
CA TYR A 185 3.53 -4.15 -3.21
C TYR A 185 4.61 -4.72 -4.11
N THR A 186 5.48 -3.88 -4.63
CA THR A 186 6.40 -4.33 -5.67
C THR A 186 7.51 -5.14 -5.01
N GLY A 187 7.90 -4.79 -3.78
CA GLY A 187 8.91 -5.54 -3.06
C GLY A 187 8.43 -6.92 -2.65
N ALA A 188 7.22 -7.00 -2.13
CA ALA A 188 6.68 -8.30 -1.78
C ALA A 188 6.50 -9.20 -3.02
N PHE A 189 6.00 -8.65 -4.12
CA PHE A 189 5.92 -9.45 -5.34
C PHE A 189 7.31 -9.86 -5.83
N ARG A 190 8.31 -9.00 -5.72
CA ARG A 190 9.69 -9.38 -6.07
C ARG A 190 10.19 -10.53 -5.19
N CYS A 191 9.87 -10.50 -3.91
CA CYS A 191 10.23 -11.57 -2.96
C CYS A 191 9.68 -12.91 -3.45
N LEU A 192 8.45 -12.89 -3.98
CA LEU A 192 7.88 -14.09 -4.59
C LEU A 192 8.57 -14.40 -5.91
N ALA A 193 8.79 -13.39 -6.75
CA ALA A 193 9.29 -13.64 -8.10
C ALA A 193 10.65 -14.30 -8.03
N GLU A 194 11.44 -13.90 -7.05
CA GLU A 194 12.79 -14.41 -6.84
C GLU A 194 12.84 -15.72 -6.06
N ASP A 195 11.66 -16.24 -5.72
CA ASP A 195 11.50 -17.43 -4.89
C ASP A 195 12.13 -17.35 -3.52
N VAL A 196 12.18 -16.13 -2.98
CA VAL A 196 12.58 -15.95 -1.60
C VAL A 196 11.44 -16.42 -0.70
N GLY A 197 10.23 -16.08 -1.09
CA GLY A 197 9.04 -16.58 -0.46
C GLY A 197 8.26 -17.53 -1.36
N ASP A 198 7.35 -18.28 -0.73
CA ASP A 198 6.38 -19.14 -1.40
C ASP A 198 5.08 -18.41 -1.79
N VAL A 199 4.74 -17.37 -1.03
CA VAL A 199 3.47 -16.67 -1.20
C VAL A 199 3.72 -15.17 -1.01
N ALA A 200 3.09 -14.34 -1.85
CA ALA A 200 3.12 -12.89 -1.65
C ALA A 200 1.67 -12.43 -1.41
N PHE A 201 1.52 -11.55 -0.43
CA PHE A 201 0.26 -10.91 -0.11
C PHE A 201 0.33 -9.49 -0.63
N VAL A 202 -0.27 -9.28 -1.80
CA VAL A 202 -0.22 -8.04 -2.57
C VAL A 202 -1.62 -7.79 -3.10
N LYS A 203 -1.75 -6.96 -4.11
CA LYS A 203 -3.02 -6.74 -4.76
C LYS A 203 -2.99 -7.21 -6.22
N ASN A 204 -4.16 -7.41 -6.82
CA ASN A 204 -4.23 -7.89 -8.22
C ASN A 204 -3.39 -7.03 -9.17
N ASP A 205 -3.46 -5.73 -9.01
CA ASP A 205 -2.80 -4.83 -9.96
C ASP A 205 -1.29 -5.08 -9.96
N THR A 206 -0.74 -5.42 -8.81
CA THR A 206 0.71 -5.63 -8.68
C THR A 206 1.21 -6.70 -9.62
N VAL A 207 0.46 -7.78 -9.72
CA VAL A 207 0.86 -8.88 -10.55
C VAL A 207 0.91 -8.46 -12.01
N TRP A 208 -0.15 -7.81 -12.50
CA TRP A 208 -0.23 -7.34 -13.88
C TRP A 208 0.81 -6.27 -14.20
N GLU A 209 1.14 -5.46 -13.22
CA GLU A 209 1.96 -4.30 -13.47
C GLU A 209 3.44 -4.66 -13.53
N ASN A 210 3.75 -5.88 -13.09
CA ASN A 210 5.13 -6.35 -12.99
C ASN A 210 5.40 -7.62 -13.78
N THR A 211 4.53 -7.90 -14.75
CA THR A 211 4.69 -9.08 -15.60
C THR A 211 4.48 -8.71 -17.07
N ASN A 212 4.88 -9.64 -17.94
CA ASN A 212 4.64 -9.54 -19.40
C ASN A 212 5.10 -8.20 -19.97
N GLY A 213 6.24 -7.73 -19.50
CA GLY A 213 6.85 -6.50 -19.98
C GLY A 213 6.32 -5.21 -19.43
N GLU A 214 5.31 -5.29 -18.57
CA GLU A 214 4.75 -4.06 -17.97
C GLU A 214 5.77 -3.37 -17.07
N SER A 215 6.71 -4.13 -16.52
CA SER A 215 7.87 -3.55 -15.85
C SER A 215 9.14 -3.94 -16.60
N THR A 216 10.01 -2.96 -16.78
CA THR A 216 11.28 -3.15 -17.45
C THR A 216 12.40 -3.33 -16.43
N ALA A 217 12.02 -3.37 -15.15
CA ALA A 217 13.00 -3.65 -14.12
C ALA A 217 13.64 -5.03 -14.29
N ASP A 218 14.93 -5.06 -13.99
CA ASP A 218 15.73 -6.28 -14.04
C ASP A 218 15.06 -7.54 -13.49
N TRP A 219 14.48 -7.45 -12.28
CA TRP A 219 13.94 -8.64 -11.63
C TRP A 219 12.57 -9.00 -12.21
N ALA A 220 11.95 -8.01 -12.87
CA ALA A 220 10.60 -8.15 -13.43
C ALA A 220 10.59 -8.33 -14.96
N LYS A 221 11.62 -7.79 -15.62
CA LYS A 221 11.87 -7.86 -17.10
C LYS A 221 11.10 -9.04 -17.67
N ASN A 222 11.44 -10.19 -17.09
CA ASN A 222 11.27 -11.46 -17.78
C ASN A 222 10.18 -12.34 -17.14
N LEU A 223 9.39 -11.75 -16.25
CA LEU A 223 8.31 -12.50 -15.62
C LEU A 223 7.07 -12.61 -16.49
N LYS A 224 6.41 -13.75 -16.36
CA LYS A 224 5.25 -14.07 -17.18
C LYS A 224 4.05 -14.39 -16.26
N ARG A 225 2.90 -13.76 -16.53
CA ARG A 225 1.68 -13.97 -15.73
C ARG A 225 1.32 -15.43 -15.54
N GLU A 226 1.47 -16.20 -16.61
CA GLU A 226 1.06 -17.58 -16.61
C GLU A 226 1.88 -18.40 -15.61
N ASP A 227 2.96 -17.82 -15.11
CA ASP A 227 3.84 -18.49 -14.14
C ASP A 227 3.41 -18.24 -12.70
N PHE A 228 2.31 -17.53 -12.54
CA PHE A 228 1.78 -17.24 -11.22
C PHE A 228 0.35 -17.70 -11.12
N ARG A 229 -0.06 -17.99 -9.90
CA ARG A 229 -1.42 -18.34 -9.58
C ARG A 229 -1.87 -17.58 -8.34
N LEU A 230 -3.18 -17.43 -8.22
CA LEU A 230 -3.81 -16.87 -7.05
C LEU A 230 -4.36 -17.99 -6.19
N LEU A 231 -4.28 -17.83 -4.88
CA LEU A 231 -4.83 -18.78 -3.92
C LEU A 231 -6.22 -18.30 -3.49
N CYS A 232 -7.25 -19.08 -3.77
CA CYS A 232 -8.58 -18.71 -3.35
C CYS A 232 -8.88 -19.26 -1.97
N LEU A 233 -9.81 -18.65 -1.23
CA LEU A 233 -10.08 -19.06 0.14
C LEU A 233 -10.68 -20.46 0.26
N ASP A 234 -11.29 -20.91 -0.82
CA ASP A 234 -11.84 -22.27 -0.88
C ASP A 234 -10.82 -23.34 -1.18
N GLY A 235 -9.53 -23.00 -1.25
CA GLY A 235 -8.50 -24.04 -1.42
C GLY A 235 -8.09 -24.32 -2.86
N THR A 236 -8.74 -23.67 -3.81
CA THR A 236 -8.36 -23.73 -5.21
C THR A 236 -7.28 -22.72 -5.61
N ARG A 237 -6.70 -22.95 -6.78
CA ARG A 237 -5.72 -22.07 -7.39
C ARG A 237 -6.24 -21.60 -8.74
N LYS A 238 -6.07 -20.32 -9.04
CA LYS A 238 -6.52 -19.80 -10.31
C LYS A 238 -5.49 -18.95 -11.00
N PRO A 239 -5.58 -18.87 -12.34
CA PRO A 239 -4.81 -17.86 -13.05
C PRO A 239 -5.12 -16.46 -12.55
N VAL A 240 -4.16 -15.59 -12.77
CA VAL A 240 -4.21 -14.24 -12.24
C VAL A 240 -5.22 -13.40 -13.00
N THR A 241 -5.89 -13.96 -14.01
CA THR A 241 -6.98 -13.26 -14.72
C THR A 241 -8.27 -13.37 -13.90
N GLU A 242 -8.27 -14.23 -12.90
CA GLU A 242 -9.51 -14.57 -12.16
C GLU A 242 -9.58 -13.94 -10.78
N ALA A 243 -8.91 -12.82 -10.59
CA ALA A 243 -8.88 -12.16 -9.31
C ALA A 243 -10.24 -11.76 -8.77
N GLN A 244 -11.19 -11.49 -9.68
CA GLN A 244 -12.51 -11.06 -9.26
C GLN A 244 -13.30 -12.18 -8.59
N SER A 245 -12.86 -13.43 -8.82
CA SER A 245 -13.41 -14.61 -8.16
C SER A 245 -12.45 -15.35 -7.23
N CYS A 246 -11.28 -14.78 -7.00
CA CYS A 246 -10.24 -15.42 -6.21
C CYS A 246 -9.35 -14.38 -5.51
N HIS A 247 -9.99 -13.63 -4.64
CA HIS A 247 -9.29 -12.65 -3.80
C HIS A 247 -9.56 -12.90 -2.32
N LEU A 248 -8.74 -12.31 -1.46
CA LEU A 248 -8.95 -12.38 -0.03
C LEU A 248 -9.92 -11.33 0.47
N ALA A 249 -9.96 -10.17 -0.18
CA ALA A 249 -10.86 -9.10 0.23
C ALA A 249 -10.86 -8.04 -0.85
N VAL A 250 -11.83 -7.15 -0.77
CA VAL A 250 -11.74 -5.89 -1.50
C VAL A 250 -11.35 -4.81 -0.48
N ALA A 251 -10.28 -4.10 -0.81
CA ALA A 251 -9.66 -3.10 0.09
C ALA A 251 -10.08 -1.70 -0.30
N PRO A 252 -10.23 -0.81 0.68
CA PRO A 252 -10.45 0.59 0.35
C PRO A 252 -9.17 1.21 -0.23
N ASN A 253 -9.29 2.08 -1.22
CA ASN A 253 -8.14 2.69 -1.86
C ASN A 253 -7.30 3.53 -0.90
N HIS A 254 -6.01 3.52 -1.16
CA HIS A 254 -5.13 4.38 -0.40
C HIS A 254 -5.69 5.79 -0.54
N ALA A 255 -5.52 6.60 0.50
CA ALA A 255 -6.09 7.93 0.56
C ALA A 255 -5.18 8.88 1.36
N VAL A 256 -5.32 10.16 1.05
CA VAL A 256 -4.61 11.20 1.73
C VAL A 256 -5.32 11.47 3.06
N VAL A 257 -4.53 11.62 4.12
CA VAL A 257 -5.08 12.03 5.40
C VAL A 257 -4.41 13.29 5.89
N SER A 258 -5.13 14.06 6.68
CA SER A 258 -4.60 15.23 7.36
C SER A 258 -5.34 15.46 8.66
N ARG A 259 -4.85 16.40 9.44
CA ARG A 259 -5.68 16.93 10.53
C ARG A 259 -6.92 17.53 9.96
N SER A 260 -8.00 17.43 10.71
CA SER A 260 -9.26 17.98 10.30
C SER A 260 -9.17 19.49 9.94
N ASP A 261 -8.43 20.22 10.75
CA ASP A 261 -8.26 21.65 10.56
C ASP A 261 -7.48 22.09 9.31
N ARG A 262 -6.79 21.14 8.68
CA ARG A 262 -6.02 21.40 7.48
C ARG A 262 -6.58 20.69 6.24
N ALA A 263 -7.66 19.92 6.40
CA ALA A 263 -8.19 19.07 5.32
C ALA A 263 -8.62 19.88 4.10
N ALA A 264 -9.30 21.00 4.32
CA ALA A 264 -9.84 21.73 3.22
C ALA A 264 -8.72 22.32 2.36
N HIS A 265 -7.68 22.80 3.02
CA HIS A 265 -6.59 23.45 2.31
C HIS A 265 -5.73 22.42 1.62
N VAL A 266 -5.52 21.28 2.28
CA VAL A 266 -4.77 20.18 1.68
C VAL A 266 -5.51 19.72 0.42
N GLU A 267 -6.82 19.60 0.54
CA GLU A 267 -7.65 19.21 -0.58
C GLU A 267 -7.51 20.16 -1.77
N GLN A 268 -7.67 21.46 -1.52
CA GLN A 268 -7.57 22.45 -2.59
C GLN A 268 -6.19 22.43 -3.28
N VAL A 269 -5.14 22.34 -2.49
CA VAL A 269 -3.78 22.35 -2.99
C VAL A 269 -3.54 21.14 -3.84
N LEU A 270 -4.00 19.98 -3.36
CA LEU A 270 -3.81 18.73 -4.11
C LEU A 270 -4.56 18.71 -5.43
N LEU A 271 -5.81 19.17 -5.42
CA LEU A 271 -6.57 19.25 -6.66
C LEU A 271 -5.83 20.11 -7.69
N HIS A 272 -5.23 21.20 -7.23
CA HIS A 272 -4.45 22.02 -8.13
C HIS A 272 -3.13 21.36 -8.55
N GLN A 273 -2.41 20.76 -7.60
CA GLN A 273 -1.16 20.10 -7.95
C GLN A 273 -1.34 18.97 -8.96
N GLN A 274 -2.43 18.21 -8.88
CA GLN A 274 -2.61 17.14 -9.85
C GLN A 274 -3.06 17.66 -11.21
N ALA A 275 -3.75 18.79 -11.22
CA ALA A 275 -3.97 19.52 -12.46
C ALA A 275 -2.66 19.82 -13.21
N LEU A 276 -1.60 20.16 -12.46
CA LEU A 276 -0.29 20.42 -13.03
C LEU A 276 0.47 19.12 -13.33
N PHE A 277 0.47 18.19 -12.38
CA PHE A 277 1.46 17.09 -12.40
C PHE A 277 0.85 15.68 -12.44
N GLY A 278 -0.47 15.60 -12.42
CA GLY A 278 -1.15 14.33 -12.45
C GLY A 278 -1.12 13.72 -13.84
N LYS A 279 -1.91 12.67 -14.03
CA LYS A 279 -1.88 11.87 -15.25
C LYS A 279 -1.98 12.69 -16.55
N ASN A 280 -3.04 13.45 -16.74
CA ASN A 280 -3.05 14.29 -17.96
C ASN A 280 -2.66 15.72 -17.65
N GLY A 281 -1.90 15.89 -16.58
CA GLY A 281 -1.45 17.12 -16.03
C GLY A 281 -0.72 18.06 -16.96
N LYS A 282 -0.94 19.35 -16.76
CA LYS A 282 -0.50 20.34 -17.74
C LYS A 282 1.00 20.26 -17.97
N ASN A 283 1.73 19.80 -16.96
CA ASN A 283 3.19 19.79 -16.96
C ASN A 283 3.77 18.39 -16.71
N CYS A 284 2.93 17.38 -16.86
CA CYS A 284 3.37 15.99 -16.85
C CYS A 284 3.08 15.43 -18.24
N PRO A 285 4.09 14.86 -18.92
CA PRO A 285 5.40 14.43 -18.39
C PRO A 285 6.56 15.40 -18.61
N ASP A 286 6.32 16.58 -19.15
CA ASP A 286 7.43 17.45 -19.55
C ASP A 286 8.32 17.80 -18.37
N LYS A 287 7.69 18.13 -17.23
CA LYS A 287 8.41 18.61 -16.06
C LYS A 287 8.43 17.59 -14.93
N PHE A 288 7.25 17.19 -14.46
CA PHE A 288 7.18 16.32 -13.28
C PHE A 288 5.84 15.61 -13.25
N CYS A 289 5.89 14.34 -12.87
CA CYS A 289 4.71 13.51 -12.79
C CYS A 289 4.58 13.00 -11.36
N LEU A 290 3.53 13.49 -10.70
CA LEU A 290 3.24 13.18 -9.30
C LEU A 290 2.99 11.69 -9.11
N PHE A 291 2.46 11.02 -10.13
CA PHE A 291 1.98 9.65 -9.99
C PHE A 291 2.88 8.70 -10.76
N LYS A 292 4.11 9.12 -11.07
CA LYS A 292 5.15 8.22 -11.55
C LYS A 292 6.35 8.17 -10.60
N SER A 293 6.97 6.99 -10.49
CA SER A 293 8.21 6.84 -9.73
C SER A 293 9.00 5.60 -10.18
N GLU A 294 8.98 5.39 -11.49
CA GLU A 294 9.60 4.23 -12.11
C GLU A 294 9.21 2.92 -11.41
N THR A 295 7.93 2.78 -11.18
CA THR A 295 7.40 1.49 -10.71
C THR A 295 7.50 1.32 -9.17
N LYS A 296 8.01 2.35 -8.50
CA LYS A 296 8.37 2.18 -7.10
C LYS A 296 7.24 2.66 -6.19
N ASN A 297 6.15 3.20 -6.74
CA ASN A 297 5.00 3.61 -5.94
C ASN A 297 5.39 4.54 -4.80
N LEU A 298 6.16 5.58 -5.13
CA LEU A 298 6.60 6.55 -4.16
C LEU A 298 5.59 7.68 -4.00
N LEU A 299 5.14 7.92 -2.76
CA LEU A 299 4.14 8.95 -2.39
C LEU A 299 2.73 8.52 -2.71
N PHE A 300 2.57 8.04 -3.93
CA PHE A 300 1.29 7.55 -4.43
C PHE A 300 1.61 6.30 -5.22
N ASN A 301 0.61 5.44 -5.42
CA ASN A 301 0.78 4.35 -6.36
C ASN A 301 0.91 4.87 -7.79
N ASP A 302 1.79 4.24 -8.53
CA ASP A 302 2.03 4.63 -9.90
C ASP A 302 0.83 4.43 -10.81
N ASN A 303 -0.14 3.61 -10.41
CA ASN A 303 -1.35 3.43 -11.21
C ASN A 303 -2.48 4.41 -10.85
N THR A 304 -2.15 5.42 -10.04
CA THR A 304 -3.11 6.47 -9.71
C THR A 304 -3.39 7.33 -10.92
N GLU A 305 -4.66 7.40 -11.33
CA GLU A 305 -5.05 8.33 -12.39
C GLU A 305 -5.29 9.73 -11.85
N CYS A 306 -5.91 9.80 -10.68
CA CYS A 306 -6.08 11.05 -9.98
C CYS A 306 -6.36 10.73 -8.52
N LEU A 307 -6.35 11.78 -7.72
CA LEU A 307 -6.94 11.80 -6.42
C LEU A 307 -8.36 12.31 -6.55
N ALA A 308 -9.28 11.54 -6.03
CA ALA A 308 -10.69 11.79 -6.23
C ALA A 308 -11.37 12.26 -4.95
N LYS A 309 -12.42 13.04 -5.13
CA LYS A 309 -13.15 13.62 -4.01
C LYS A 309 -13.95 12.52 -3.34
N LEU A 310 -14.18 12.63 -2.03
CA LEU A 310 -14.70 11.50 -1.28
C LEU A 310 -16.21 11.27 -1.30
N GLY A 311 -17.00 12.30 -1.13
CA GLY A 311 -18.45 12.04 -0.98
C GLY A 311 -18.92 11.55 0.41
N GLY A 312 -19.85 12.31 0.94
CA GLY A 312 -20.41 12.06 2.26
C GLY A 312 -19.48 12.51 3.38
N ARG A 313 -18.49 13.31 3.02
CA ARG A 313 -17.47 13.79 3.94
C ARG A 313 -17.19 12.74 5.01
N PRO A 314 -16.54 11.63 4.60
CA PRO A 314 -16.66 10.45 5.45
C PRO A 314 -15.67 10.50 6.61
N THR A 315 -16.07 9.90 7.71
CA THR A 315 -15.14 9.59 8.78
C THR A 315 -14.19 8.49 8.35
N TYR A 316 -13.12 8.28 9.09
CA TYR A 316 -12.17 7.26 8.70
C TYR A 316 -12.87 5.91 8.73
N GLU A 317 -13.78 5.68 9.67
CA GLU A 317 -14.53 4.39 9.73
C GLU A 317 -15.45 4.20 8.54
N GLU A 318 -16.14 5.24 8.11
CA GLU A 318 -16.97 5.17 6.92
C GLU A 318 -16.12 4.92 5.68
N TYR A 319 -14.94 5.55 5.60
CA TYR A 319 -14.09 5.43 4.42
C TYR A 319 -13.57 4.00 4.32
N LEU A 320 -13.17 3.43 5.46
CA LEU A 320 -12.61 2.08 5.45
C LEU A 320 -13.68 1.02 5.30
N GLY A 321 -14.87 1.33 5.82
CA GLY A 321 -15.99 0.39 5.89
C GLY A 321 -16.03 -0.38 7.19
N THR A 322 -17.22 -0.52 7.75
CA THR A 322 -17.40 -1.10 9.09
C THR A 322 -16.84 -2.52 9.19
N GLU A 323 -16.98 -3.29 8.13
CA GLU A 323 -16.48 -4.67 8.11
C GLU A 323 -14.96 -4.70 8.20
N TYR A 324 -14.29 -3.85 7.44
CA TYR A 324 -12.81 -3.81 7.51
C TYR A 324 -12.31 -3.30 8.85
N VAL A 325 -12.98 -2.29 9.40
CA VAL A 325 -12.61 -1.74 10.67
C VAL A 325 -12.70 -2.77 11.80
N THR A 326 -13.77 -3.53 11.80
CA THR A 326 -13.95 -4.55 12.82
C THR A 326 -12.92 -5.68 12.65
N ALA A 327 -12.64 -6.06 11.41
CA ALA A 327 -11.56 -7.03 11.12
C ALA A 327 -10.21 -6.57 11.67
N ILE A 328 -9.89 -5.28 11.48
CA ILE A 328 -8.64 -4.78 12.00
C ILE A 328 -8.66 -4.83 13.52
N ALA A 329 -9.69 -4.27 14.12
CA ALA A 329 -9.90 -4.33 15.56
C ALA A 329 -9.70 -5.74 16.15
N ASN A 330 -10.37 -6.73 15.56
CA ASN A 330 -10.22 -8.14 15.97
C ASN A 330 -8.77 -8.61 15.87
N LEU A 331 -8.11 -8.26 14.76
CA LEU A 331 -6.69 -8.62 14.61
C LEU A 331 -5.81 -7.97 15.69
N LYS A 332 -6.00 -6.68 15.93
CA LYS A 332 -5.15 -5.96 16.91
C LYS A 332 -5.29 -6.48 18.34
N LYS A 333 -6.36 -7.21 18.62
CA LYS A 333 -6.51 -7.84 19.93
C LYS A 333 -5.39 -8.86 20.18
N CYS A 334 -4.72 -9.31 19.12
CA CYS A 334 -3.63 -10.25 19.24
C CYS A 334 -2.33 -9.62 19.71
N SER A 335 -2.15 -8.34 19.39
CA SER A 335 -0.85 -7.74 19.63
C SER A 335 -0.93 -6.78 20.80
N LEU A 340 -7.81 -0.83 22.39
CA LEU A 340 -8.86 -1.33 21.50
C LEU A 340 -9.74 -0.16 21.01
N GLU A 341 -9.15 1.04 21.04
CA GLU A 341 -9.73 2.33 20.60
C GLU A 341 -8.60 3.26 21.03
N ALA A 342 -7.68 3.86 20.27
CA ALA A 342 -6.67 4.57 21.11
C ALA A 342 -6.11 5.88 20.64
N CYS A 343 -5.33 5.83 19.57
CA CYS A 343 -4.04 6.49 19.43
C CYS A 343 -3.02 5.96 20.41
N ALA A 344 -2.51 4.84 19.90
CA ALA A 344 -1.35 3.96 19.85
C ALA A 344 -0.12 4.85 19.96
N PHE A 345 -0.12 6.17 19.77
CA PHE A 345 0.97 7.07 20.04
C PHE A 345 0.77 7.92 21.29
#